data_9IWD
#
_entry.id   9IWD
#
_cell.length_a   116.455
_cell.length_b   116.455
_cell.length_c   112.627
_cell.angle_alpha   90.00
_cell.angle_beta   90.00
_cell.angle_gamma   90.00
#
_symmetry.space_group_name_H-M   'I 41 2 2'
#
loop_
_entity.id
_entity.type
_entity.pdbx_description
1 polymer 'Glyceraldehyde-3-phosphate dehydrogenase 3'
2 non-polymer 'ethyl 4-[(4-chlorophenyl)amino]-4-oxidanylidene-butanoate'
3 non-polymer GLYCEROL
4 water water
#
_entity_poly.entity_id   1
_entity_poly.type   'polypeptide(L)'
_entity_poly.pdbx_seq_one_letter_code
;MGHHHHHHMVRVAINGFGRIGRLVMRIALSRPNVEVVALNDPFITNDYAAYMFKYDSTHGRYAGEVSHDDKHIIVDGKKI
ATYQERDPANLPWGSSNVDIAIDSTGVFKELDTAQKHIDAGAKKVVITAPSSTAPMFVMGVNEEKYTSDLKIVSNASCTT
NCLAPLAKVINDAFGIEEGLMTTVHSLTATQKTVDGPSHKDWRGGRTASGNIIPSSTGAAKAVGKVLPELQGKLTGMAFR
VPTVDVSVVDLTVKLNKETTYDEIKKVVKAAAEGKLKGVLGYTEDAVVSSDFLGDSHSSIFDASAGIQLSPKFVKLVSWY
DNEYGYSTRVVDLVEHVAKA
;
_entity_poly.pdbx_strand_id   A
#
loop_
_chem_comp.id
_chem_comp.type
_chem_comp.name
_chem_comp.formula
A1EA6 non-polymer 'ethyl 4-[(4-chlorophenyl)amino]-4-oxidanylidene-butanoate' 'C12 H14 Cl N O3'
GOL non-polymer GLYCEROL 'C3 H8 O3'
#
# COMPACT_ATOMS: atom_id res chain seq x y z
N VAL A 10 -4.32 -18.87 -7.95
CA VAL A 10 -4.03 -17.68 -8.74
C VAL A 10 -2.53 -17.56 -9.05
N ARG A 11 -2.19 -17.57 -10.33
CA ARG A 11 -0.81 -17.52 -10.78
C ARG A 11 -0.41 -16.07 -11.06
N VAL A 12 0.62 -15.60 -10.38
CA VAL A 12 1.00 -14.19 -10.48
C VAL A 12 2.45 -14.07 -10.92
N ALA A 13 2.75 -12.94 -11.58
CA ALA A 13 4.10 -12.52 -11.89
C ALA A 13 4.30 -11.10 -11.37
N ILE A 14 5.52 -10.79 -10.91
CA ILE A 14 5.86 -9.48 -10.39
C ILE A 14 6.79 -8.79 -11.36
N ASN A 15 6.48 -7.55 -11.71
CA ASN A 15 7.37 -6.72 -12.50
C ASN A 15 8.03 -5.72 -11.57
N GLY A 16 9.36 -5.76 -11.47
CA GLY A 16 10.07 -4.86 -10.56
C GLY A 16 10.40 -5.53 -9.23
N PHE A 17 11.67 -5.54 -8.85
CA PHE A 17 12.10 -6.18 -7.58
C PHE A 17 12.60 -5.12 -6.59
N GLY A 18 11.90 -3.99 -6.54
CA GLY A 18 12.21 -2.98 -5.52
C GLY A 18 11.53 -3.39 -4.22
N ARG A 19 11.58 -2.52 -3.22
CA ARG A 19 11.04 -2.91 -1.90
C ARG A 19 9.60 -3.42 -2.06
N ILE A 20 8.77 -2.71 -2.81
CA ILE A 20 7.40 -3.20 -2.88
C ILE A 20 7.36 -4.58 -3.52
N GLY A 21 8.03 -4.73 -4.68
CA GLY A 21 8.00 -6.03 -5.34
C GLY A 21 8.47 -7.15 -4.43
N ARG A 22 9.49 -6.88 -3.62
CA ARG A 22 10.04 -7.92 -2.76
C ARG A 22 9.10 -8.26 -1.61
N LEU A 23 8.49 -7.25 -0.96
CA LEU A 23 7.54 -7.54 0.10
C LEU A 23 6.27 -8.20 -0.43
N VAL A 24 5.82 -7.80 -1.61
CA VAL A 24 4.68 -8.48 -2.22
C VAL A 24 5.00 -9.94 -2.43
N MET A 25 6.23 -10.25 -2.84
CA MET A 25 6.63 -11.65 -3.01
C MET A 25 6.69 -12.39 -1.67
N ARG A 26 7.27 -11.77 -0.63
CA ARG A 26 7.25 -12.37 0.69
C ARG A 26 5.82 -12.75 1.09
N ILE A 27 4.88 -11.81 0.92
CA ILE A 27 3.50 -12.02 1.33
C ILE A 27 2.83 -13.06 0.42
N ALA A 28 3.04 -12.94 -0.88
CA ALA A 28 2.38 -13.86 -1.82
C ALA A 28 2.89 -15.29 -1.68
N LEU A 29 4.18 -15.48 -1.40
CA LEU A 29 4.68 -16.83 -1.15
C LEU A 29 3.96 -17.48 0.02
N SER A 30 3.58 -16.68 1.02
CA SER A 30 2.82 -17.19 2.15
C SER A 30 1.33 -17.33 1.87
N ARG A 31 0.80 -16.79 0.77
CA ARG A 31 -0.65 -16.89 0.52
C ARG A 31 -0.99 -18.27 -0.02
N PRO A 32 -1.87 -19.03 0.64
CA PRO A 32 -2.16 -20.39 0.16
C PRO A 32 -2.68 -20.47 -1.27
N ASN A 33 -3.47 -19.50 -1.74
CA ASN A 33 -4.06 -19.62 -3.07
C ASN A 33 -3.41 -18.72 -4.11
N VAL A 34 -2.22 -18.20 -3.82
CA VAL A 34 -1.45 -17.44 -4.79
C VAL A 34 -0.17 -18.21 -5.08
N GLU A 35 0.19 -18.33 -6.34
CA GLU A 35 1.47 -18.94 -6.72
C GLU A 35 2.28 -17.94 -7.52
N VAL A 36 3.47 -17.63 -7.02
CA VAL A 36 4.41 -16.76 -7.72
C VAL A 36 5.12 -17.55 -8.81
N VAL A 37 4.87 -17.19 -10.05
CA VAL A 37 5.39 -17.91 -11.21
C VAL A 37 6.67 -17.26 -11.74
N ALA A 38 6.74 -15.94 -11.76
CA ALA A 38 7.85 -15.28 -12.44
C ALA A 38 8.09 -13.90 -11.86
N LEU A 39 9.30 -13.40 -12.10
CA LEU A 39 9.68 -12.05 -11.71
C LEU A 39 10.43 -11.42 -12.87
N ASN A 40 10.17 -10.14 -13.15
CA ASN A 40 10.90 -9.43 -14.19
C ASN A 40 11.54 -8.18 -13.61
N ASP A 41 12.82 -7.98 -13.94
CA ASP A 41 13.53 -6.76 -13.59
C ASP A 41 14.80 -6.69 -14.42
N PRO A 42 14.88 -5.74 -15.37
CA PRO A 42 16.07 -5.66 -16.24
C PRO A 42 17.31 -5.10 -15.58
N PHE A 43 17.23 -4.54 -14.37
CA PHE A 43 18.35 -3.83 -13.79
C PHE A 43 19.09 -4.61 -12.72
N ILE A 44 18.68 -5.84 -12.40
CA ILE A 44 19.37 -6.61 -11.38
C ILE A 44 19.69 -8.01 -11.92
N THR A 45 20.67 -8.64 -11.29
CA THR A 45 21.01 -10.03 -11.55
C THR A 45 20.32 -10.94 -10.54
N ASN A 46 20.32 -12.25 -10.84
CA ASN A 46 19.67 -13.21 -9.96
C ASN A 46 20.33 -13.27 -8.59
N ASP A 47 21.66 -13.15 -8.51
CA ASP A 47 22.30 -13.23 -7.19
C ASP A 47 21.97 -11.99 -6.36
N TYR A 48 21.94 -10.81 -6.98
CA TYR A 48 21.53 -9.61 -6.26
C TYR A 48 20.04 -9.67 -5.87
N ALA A 49 19.18 -10.22 -6.74
CA ALA A 49 17.78 -10.40 -6.38
C ALA A 49 17.63 -11.28 -5.13
N ALA A 50 18.32 -12.42 -5.10
CA ALA A 50 18.21 -13.30 -3.95
C ALA A 50 18.71 -12.61 -2.68
N TYR A 51 19.82 -11.89 -2.78
CA TYR A 51 20.36 -11.16 -1.65
C TYR A 51 19.36 -10.14 -1.12
N MET A 52 18.79 -9.33 -2.02
CA MET A 52 17.85 -8.28 -1.58
C MET A 52 16.58 -8.88 -1.02
N PHE A 53 16.16 -10.05 -1.54
CA PHE A 53 14.98 -10.71 -0.99
C PHE A 53 15.26 -11.27 0.39
N LYS A 54 16.47 -11.82 0.61
CA LYS A 54 16.80 -12.45 1.88
C LYS A 54 16.91 -11.43 3.01
N TYR A 55 17.63 -10.34 2.79
CA TYR A 55 17.96 -9.39 3.85
C TYR A 55 17.11 -8.14 3.74
N ASP A 56 16.57 -7.70 4.88
CA ASP A 56 15.79 -6.46 4.92
C ASP A 56 16.12 -5.76 6.23
N SER A 57 16.57 -4.49 6.15
CA SER A 57 17.04 -3.82 7.36
C SER A 57 15.97 -3.70 8.44
N THR A 58 14.70 -3.57 8.06
CA THR A 58 13.64 -3.34 9.05
C THR A 58 12.66 -4.49 9.19
N HIS A 59 12.51 -5.34 8.17
CA HIS A 59 11.58 -6.47 8.26
C HIS A 59 12.30 -7.80 8.47
N GLY A 60 13.59 -7.76 8.79
CA GLY A 60 14.32 -8.95 9.21
C GLY A 60 14.70 -9.85 8.05
N ARG A 61 15.56 -10.81 8.35
CA ARG A 61 15.92 -11.85 7.39
C ARG A 61 14.69 -12.65 7.00
N TYR A 62 14.55 -12.96 5.72
CA TYR A 62 13.49 -13.87 5.30
C TYR A 62 13.62 -15.20 6.04
N ALA A 63 12.52 -15.64 6.65
CA ALA A 63 12.50 -16.87 7.44
C ALA A 63 12.29 -18.04 6.48
N GLY A 64 13.38 -18.46 5.86
CA GLY A 64 13.35 -19.47 4.82
C GLY A 64 14.65 -19.42 4.06
N GLU A 65 14.84 -20.42 3.20
CA GLU A 65 16.08 -20.54 2.45
C GLU A 65 15.95 -19.85 1.09
N VAL A 66 16.88 -18.96 0.79
CA VAL A 66 16.85 -18.21 -0.47
C VAL A 66 18.14 -18.49 -1.24
N SER A 67 18.01 -18.80 -2.52
CA SER A 67 19.16 -19.01 -3.38
C SER A 67 18.74 -18.67 -4.80
N HIS A 68 19.56 -19.04 -5.78
CA HIS A 68 19.30 -18.68 -7.16
C HIS A 68 20.05 -19.63 -8.08
N ASP A 69 19.66 -19.64 -9.35
CA ASP A 69 20.51 -20.18 -10.40
C ASP A 69 20.40 -19.24 -11.59
N ASP A 70 20.84 -19.73 -12.76
CA ASP A 70 20.90 -18.90 -13.95
C ASP A 70 19.52 -18.44 -14.42
N LYS A 71 18.46 -19.14 -14.04
CA LYS A 71 17.14 -18.83 -14.58
C LYS A 71 16.09 -18.58 -13.51
N HIS A 72 16.45 -18.67 -12.22
CA HIS A 72 15.46 -18.62 -11.17
C HIS A 72 16.03 -17.92 -9.94
N ILE A 73 15.11 -17.38 -9.15
CA ILE A 73 15.28 -17.22 -7.71
C ILE A 73 14.58 -18.41 -7.07
N ILE A 74 15.16 -18.94 -5.99
CA ILE A 74 14.68 -20.17 -5.39
C ILE A 74 14.42 -19.90 -3.92
N VAL A 75 13.18 -20.12 -3.48
CA VAL A 75 12.79 -19.83 -2.11
C VAL A 75 12.09 -21.05 -1.51
N ASP A 76 12.72 -21.65 -0.49
CA ASP A 76 12.21 -22.86 0.17
C ASP A 76 11.83 -23.92 -0.88
N GLY A 77 12.73 -24.16 -1.82
CA GLY A 77 12.48 -25.12 -2.87
C GLY A 77 11.60 -24.65 -4.02
N LYS A 78 10.84 -23.56 -3.86
CA LYS A 78 10.03 -23.02 -4.96
C LYS A 78 10.95 -22.26 -5.93
N LYS A 79 10.96 -22.69 -7.19
CA LYS A 79 11.72 -22.03 -8.25
C LYS A 79 10.84 -20.98 -8.94
N ILE A 80 11.30 -19.73 -8.92
CA ILE A 80 10.57 -18.62 -9.53
C ILE A 80 11.37 -18.12 -10.71
N ALA A 81 10.79 -18.24 -11.91
CA ALA A 81 11.51 -17.85 -13.13
C ALA A 81 11.77 -16.35 -13.16
N THR A 82 12.97 -15.97 -13.62
CA THR A 82 13.34 -14.55 -13.66
C THR A 82 13.63 -14.10 -15.08
N TYR A 83 13.27 -12.86 -15.37
CA TYR A 83 13.44 -12.28 -16.70
C TYR A 83 14.01 -10.87 -16.56
N GLN A 84 14.56 -10.38 -17.68
CA GLN A 84 15.23 -9.08 -17.70
C GLN A 84 14.78 -8.29 -18.93
N GLU A 85 13.47 -8.13 -19.10
CA GLU A 85 12.90 -7.44 -20.25
C GLU A 85 12.62 -5.99 -19.91
N ARG A 86 13.21 -5.08 -20.67
CA ARG A 86 12.88 -3.66 -20.51
C ARG A 86 11.46 -3.38 -20.97
N ASP A 87 10.96 -4.16 -21.93
CA ASP A 87 9.62 -3.97 -22.48
C ASP A 87 8.74 -5.13 -22.06
N PRO A 88 7.77 -4.91 -21.17
CA PRO A 88 6.98 -6.03 -20.63
C PRO A 88 6.19 -6.79 -21.67
N ALA A 89 5.89 -6.17 -22.82
CA ALA A 89 5.19 -6.89 -23.89
C ALA A 89 5.96 -8.12 -24.35
N ASN A 90 7.26 -8.18 -24.07
CA ASN A 90 8.10 -9.30 -24.49
C ASN A 90 8.08 -10.47 -23.52
N LEU A 91 7.33 -10.39 -22.41
CA LEU A 91 7.40 -11.39 -21.37
C LEU A 91 6.47 -12.57 -21.68
N PRO A 92 6.85 -13.79 -21.32
CA PRO A 92 6.06 -14.98 -21.63
C PRO A 92 4.91 -15.25 -20.67
N TRP A 93 4.11 -14.20 -20.40
CA TRP A 93 3.00 -14.39 -19.46
C TRP A 93 1.99 -15.39 -20.00
N GLY A 94 1.60 -15.25 -21.27
CA GLY A 94 0.67 -16.21 -21.85
C GLY A 94 1.27 -17.61 -21.86
N SER A 95 2.53 -17.71 -22.27
CA SER A 95 3.24 -18.98 -22.25
C SER A 95 3.30 -19.57 -20.85
N SER A 96 3.39 -18.73 -19.82
CA SER A 96 3.47 -19.17 -18.43
C SER A 96 2.12 -19.25 -17.75
N ASN A 97 1.04 -18.95 -18.47
CA ASN A 97 -0.31 -19.00 -17.91
C ASN A 97 -0.40 -18.13 -16.66
N VAL A 98 0.04 -16.89 -16.80
CA VAL A 98 0.01 -15.93 -15.70
C VAL A 98 -1.38 -15.31 -15.64
N ASP A 99 -2.03 -15.41 -14.48
CA ASP A 99 -3.35 -14.83 -14.29
C ASP A 99 -3.27 -13.32 -14.09
N ILE A 100 -2.48 -12.87 -13.11
CA ILE A 100 -2.38 -11.46 -12.76
C ILE A 100 -0.92 -11.04 -12.85
N ALA A 101 -0.65 -10.01 -13.64
CA ALA A 101 0.65 -9.34 -13.61
C ALA A 101 0.59 -8.20 -12.59
N ILE A 102 1.50 -8.24 -11.60
CA ILE A 102 1.62 -7.21 -10.58
C ILE A 102 2.75 -6.27 -11.00
N ASP A 103 2.44 -5.03 -11.35
CA ASP A 103 3.48 -4.12 -11.78
C ASP A 103 3.84 -3.20 -10.62
N SER A 104 5.06 -3.35 -10.09
CA SER A 104 5.55 -2.51 -9.02
C SER A 104 6.67 -1.58 -9.47
N THR A 105 6.86 -1.41 -10.79
CA THR A 105 7.93 -0.55 -11.29
C THR A 105 7.64 0.92 -11.06
N GLY A 106 6.37 1.29 -11.01
CA GLY A 106 5.99 2.69 -11.00
C GLY A 106 6.06 3.39 -12.35
N VAL A 107 6.38 2.69 -13.42
CA VAL A 107 6.51 3.31 -14.74
C VAL A 107 5.51 2.77 -15.75
N PHE A 108 4.82 1.69 -15.46
CA PHE A 108 3.74 1.24 -16.33
C PHE A 108 2.45 1.38 -15.55
N LYS A 109 2.17 2.59 -15.07
CA LYS A 109 1.07 2.78 -14.14
C LYS A 109 -0.16 3.41 -14.78
N GLU A 110 -0.24 3.47 -16.10
CA GLU A 110 -1.43 3.96 -16.78
C GLU A 110 -2.03 2.86 -17.64
N LEU A 111 -3.27 3.09 -18.11
CA LEU A 111 -3.97 2.08 -18.87
C LEU A 111 -3.20 1.69 -20.13
N ASP A 112 -2.61 2.67 -20.82
CA ASP A 112 -1.94 2.35 -22.08
C ASP A 112 -0.62 1.64 -21.84
N THR A 113 0.07 1.90 -20.73
CA THR A 113 1.37 1.29 -20.49
C THR A 113 1.26 -0.10 -19.87
N ALA A 114 0.51 -0.23 -18.77
CA ALA A 114 0.26 -1.54 -18.17
C ALA A 114 -0.40 -2.51 -19.14
N GLN A 115 -1.05 -1.99 -20.19
CA GLN A 115 -1.61 -2.83 -21.26
C GLN A 115 -0.58 -3.81 -21.82
N LYS A 116 0.71 -3.45 -21.76
CA LYS A 116 1.76 -4.33 -22.27
C LYS A 116 1.72 -5.72 -21.62
N HIS A 117 1.31 -5.80 -20.35
CA HIS A 117 1.24 -7.10 -19.68
C HIS A 117 0.11 -7.95 -20.24
N ILE A 118 -1.02 -7.31 -20.56
CA ILE A 118 -2.12 -8.02 -21.23
C ILE A 118 -1.67 -8.45 -22.62
N ASP A 119 -0.94 -7.57 -23.32
CA ASP A 119 -0.35 -7.92 -24.61
C ASP A 119 0.59 -9.10 -24.46
N ALA A 120 1.39 -9.13 -23.40
CA ALA A 120 2.26 -10.27 -23.13
C ALA A 120 1.48 -11.53 -22.78
N GLY A 121 0.21 -11.41 -22.40
CA GLY A 121 -0.60 -12.60 -22.16
C GLY A 121 -1.13 -12.75 -20.76
N ALA A 122 -0.88 -11.82 -19.85
CA ALA A 122 -1.58 -11.84 -18.57
C ALA A 122 -3.06 -11.51 -18.78
N LYS A 123 -3.91 -12.08 -17.93
CA LYS A 123 -5.33 -11.80 -18.02
C LYS A 123 -5.71 -10.48 -17.34
N LYS A 124 -4.97 -10.07 -16.31
CA LYS A 124 -5.27 -8.84 -15.58
C LYS A 124 -3.98 -8.25 -15.02
N VAL A 125 -4.01 -6.95 -14.72
CA VAL A 125 -2.86 -6.25 -14.18
C VAL A 125 -3.29 -5.50 -12.92
N VAL A 126 -2.47 -5.58 -11.87
CA VAL A 126 -2.61 -4.76 -10.67
C VAL A 126 -1.41 -3.84 -10.57
N ILE A 127 -1.66 -2.54 -10.56
CA ILE A 127 -0.60 -1.54 -10.47
C ILE A 127 -0.44 -1.16 -9.00
N THR A 128 0.80 -1.28 -8.50
CA THR A 128 1.07 -0.97 -7.09
C THR A 128 1.51 0.47 -6.91
N ALA A 129 0.74 1.38 -7.51
CA ALA A 129 1.00 2.81 -7.44
C ALA A 129 -0.26 3.53 -7.91
N PRO A 130 -0.46 4.78 -7.50
CA PRO A 130 -1.61 5.54 -8.00
C PRO A 130 -1.57 5.68 -9.52
N SER A 131 -2.74 5.73 -10.11
CA SER A 131 -2.88 5.87 -11.56
C SER A 131 -3.83 7.01 -11.89
N SER A 132 -3.49 7.75 -12.94
CA SER A 132 -4.40 8.78 -13.44
C SER A 132 -5.49 8.22 -14.34
N THR A 133 -5.29 7.06 -14.94
CA THR A 133 -6.26 6.48 -15.85
C THR A 133 -6.84 5.17 -15.36
N ALA A 134 -6.04 4.34 -14.66
CA ALA A 134 -6.61 3.07 -14.22
C ALA A 134 -7.46 3.31 -12.97
N PRO A 135 -8.60 2.62 -12.86
CA PRO A 135 -9.43 2.77 -11.65
C PRO A 135 -8.66 2.35 -10.40
N MET A 136 -8.82 3.13 -9.34
CA MET A 136 -8.13 2.88 -8.07
C MET A 136 -9.05 2.17 -7.09
N PHE A 137 -8.50 1.19 -6.39
CA PHE A 137 -9.25 0.42 -5.40
C PHE A 137 -8.45 0.34 -4.11
N VAL A 138 -9.14 0.61 -2.99
CA VAL A 138 -8.56 0.47 -1.67
C VAL A 138 -9.40 -0.57 -0.94
N MET A 139 -8.74 -1.63 -0.46
CA MET A 139 -9.48 -2.70 0.21
C MET A 139 -10.11 -2.14 1.48
N GLY A 140 -11.35 -2.56 1.72
CA GLY A 140 -12.13 -2.04 2.82
C GLY A 140 -12.84 -0.74 2.55
N VAL A 141 -12.64 -0.13 1.38
CA VAL A 141 -13.20 1.18 1.06
C VAL A 141 -14.14 1.09 -0.14
N ASN A 142 -13.65 0.57 -1.27
CA ASN A 142 -14.47 0.54 -2.49
C ASN A 142 -14.22 -0.71 -3.34
N GLU A 143 -13.71 -1.81 -2.76
CA GLU A 143 -13.42 -2.99 -3.56
C GLU A 143 -14.69 -3.68 -4.07
N GLU A 144 -15.83 -3.46 -3.41
CA GLU A 144 -17.09 -3.97 -3.93
C GLU A 144 -17.54 -3.25 -5.19
N LYS A 145 -16.93 -2.10 -5.53
CA LYS A 145 -17.18 -1.47 -6.82
C LYS A 145 -16.44 -2.15 -7.96
N TYR A 146 -15.52 -3.08 -7.69
CA TYR A 146 -14.78 -3.73 -8.75
C TYR A 146 -15.67 -4.71 -9.51
N THR A 147 -15.67 -4.61 -10.83
CA THR A 147 -16.37 -5.56 -11.68
C THR A 147 -15.38 -6.30 -12.56
N SER A 148 -15.68 -7.59 -12.80
CA SER A 148 -14.71 -8.50 -13.41
C SER A 148 -14.32 -8.12 -14.83
N ASP A 149 -15.02 -7.16 -15.44
CA ASP A 149 -14.64 -6.70 -16.77
C ASP A 149 -13.49 -5.71 -16.75
N LEU A 150 -13.16 -5.14 -15.59
CA LEU A 150 -12.00 -4.28 -15.46
C LEU A 150 -10.75 -5.13 -15.46
N LYS A 151 -9.86 -4.92 -16.43
CA LYS A 151 -8.70 -5.78 -16.58
C LYS A 151 -7.41 -5.16 -16.05
N ILE A 152 -7.43 -3.87 -15.71
CA ILE A 152 -6.25 -3.14 -15.25
C ILE A 152 -6.70 -2.23 -14.12
N VAL A 153 -6.13 -2.40 -12.93
CA VAL A 153 -6.54 -1.64 -11.76
C VAL A 153 -5.31 -1.19 -10.98
N SER A 154 -5.51 -0.18 -10.15
CA SER A 154 -4.48 0.40 -9.31
C SER A 154 -4.87 0.22 -7.84
N ASN A 155 -3.86 0.06 -6.98
CA ASN A 155 -4.08 -0.11 -5.56
C ASN A 155 -3.87 1.18 -4.77
N ALA A 156 -3.75 2.32 -5.46
CA ALA A 156 -3.51 3.62 -4.83
C ALA A 156 -2.14 3.64 -4.14
N SER A 157 -1.96 4.52 -3.15
CA SER A 157 -0.70 4.68 -2.45
C SER A 157 -0.83 4.18 -1.02
N CYS A 158 0.32 4.06 -0.35
CA CYS A 158 0.31 3.57 1.03
C CYS A 158 -0.35 4.58 1.97
N THR A 159 -0.12 5.88 1.77
CA THR A 159 -0.75 6.88 2.65
C THR A 159 -2.26 6.92 2.42
N THR A 160 -2.69 6.78 1.17
CA THR A 160 -4.11 6.70 0.88
C THR A 160 -4.73 5.49 1.56
N ASN A 161 -4.04 4.35 1.52
CA ASN A 161 -4.54 3.14 2.17
C ASN A 161 -4.64 3.31 3.68
N CYS A 162 -3.83 4.17 4.27
CA CYS A 162 -3.96 4.42 5.70
C CYS A 162 -5.16 5.33 5.98
N LEU A 163 -5.27 6.42 5.21
CA LEU A 163 -6.26 7.44 5.49
C LEU A 163 -7.68 7.01 5.09
N ALA A 164 -7.83 6.36 3.94
CA ALA A 164 -9.17 6.14 3.40
C ALA A 164 -10.04 5.23 4.28
N PRO A 165 -9.58 4.06 4.74
CA PRO A 165 -10.45 3.25 5.61
C PRO A 165 -10.87 3.99 6.87
N LEU A 166 -9.99 4.78 7.46
CA LEU A 166 -10.36 5.55 8.65
C LEU A 166 -11.39 6.64 8.30
N ALA A 167 -11.13 7.40 7.22
CA ALA A 167 -12.04 8.46 6.83
C ALA A 167 -13.42 7.94 6.49
N LYS A 168 -13.50 6.73 5.91
CA LYS A 168 -14.79 6.12 5.63
C LYS A 168 -15.52 5.78 6.92
N VAL A 169 -14.82 5.21 7.91
CA VAL A 169 -15.47 4.87 9.17
C VAL A 169 -16.01 6.12 9.84
N ILE A 170 -15.19 7.16 9.92
CA ILE A 170 -15.58 8.40 10.60
C ILE A 170 -16.71 9.07 9.85
N ASN A 171 -16.64 9.09 8.52
CA ASN A 171 -17.65 9.81 7.76
C ASN A 171 -18.98 9.10 7.81
N ASP A 172 -18.96 7.76 7.78
CA ASP A 172 -20.20 7.01 7.86
C ASP A 172 -20.88 7.21 9.21
N ALA A 173 -20.11 7.42 10.28
CA ALA A 173 -20.73 7.49 11.61
C ALA A 173 -21.04 8.91 12.07
N PHE A 174 -20.15 9.86 11.82
CA PHE A 174 -20.36 11.22 12.39
C PHE A 174 -20.43 12.27 11.27
N GLY A 175 -20.03 11.89 10.06
CA GLY A 175 -19.99 12.85 8.95
C GLY A 175 -18.75 13.72 8.99
N ILE A 176 -17.99 13.73 7.91
CA ILE A 176 -16.80 14.64 7.85
C ILE A 176 -17.20 15.89 7.08
N GLU A 177 -17.23 17.03 7.76
CA GLU A 177 -17.48 18.29 7.05
C GLU A 177 -16.23 18.77 6.34
N GLU A 178 -15.10 18.74 7.04
CA GLU A 178 -13.83 19.19 6.50
C GLU A 178 -12.72 18.56 7.33
N GLY A 179 -11.57 18.33 6.69
CA GLY A 179 -10.46 17.74 7.39
C GLY A 179 -9.12 18.22 6.90
N LEU A 180 -8.21 18.51 7.81
CA LEU A 180 -6.82 18.82 7.47
C LEU A 180 -5.94 17.73 8.04
N MET A 181 -5.03 17.21 7.21
CA MET A 181 -4.19 16.08 7.55
C MET A 181 -2.71 16.45 7.55
N THR A 182 -1.98 15.93 8.54
CA THR A 182 -0.53 15.92 8.51
C THR A 182 -0.06 14.48 8.55
N THR A 183 0.97 14.16 7.80
CA THR A 183 1.60 12.85 7.93
C THR A 183 3.06 13.06 8.33
N VAL A 184 3.45 12.41 9.41
CA VAL A 184 4.85 12.36 9.80
C VAL A 184 5.39 11.11 9.12
N HIS A 185 6.25 11.31 8.14
CA HIS A 185 6.51 10.35 7.08
C HIS A 185 7.97 9.93 7.09
N SER A 186 8.23 8.63 7.04
CA SER A 186 9.59 8.13 7.05
C SER A 186 10.19 8.04 5.64
N LEU A 187 11.53 8.02 5.62
CA LEU A 187 12.28 8.13 4.36
C LEU A 187 11.87 7.11 3.31
N THR A 188 11.85 5.82 3.69
CA THR A 188 11.66 4.71 2.72
C THR A 188 10.54 4.91 1.69
N ALA A 189 10.81 4.58 0.41
CA ALA A 189 9.81 4.67 -0.69
C ALA A 189 10.02 3.52 -1.68
N SER A 198 17.21 17.06 -6.91
CA SER A 198 15.73 17.11 -6.76
C SER A 198 15.22 18.45 -7.28
N HIS A 199 15.55 18.78 -8.52
CA HIS A 199 15.12 20.06 -9.11
C HIS A 199 13.60 20.22 -8.96
N LYS A 200 12.87 19.11 -8.91
CA LYS A 200 11.39 19.19 -8.82
C LYS A 200 10.97 19.46 -7.38
N ASP A 201 11.81 19.12 -6.40
CA ASP A 201 11.37 19.28 -5.01
C ASP A 201 12.59 19.67 -4.18
N TRP A 202 12.72 20.97 -3.90
CA TRP A 202 13.96 21.47 -3.31
C TRP A 202 14.17 20.97 -1.89
N ARG A 203 13.12 21.00 -1.07
CA ARG A 203 13.26 20.55 0.31
C ARG A 203 13.72 19.10 0.37
N GLY A 204 13.20 18.26 -0.53
CA GLY A 204 13.52 16.84 -0.51
C GLY A 204 14.92 16.52 -1.00
N GLY A 205 15.60 17.48 -1.63
CA GLY A 205 16.97 17.24 -2.02
C GLY A 205 17.97 17.48 -0.90
N ARG A 206 17.52 18.03 0.22
CA ARG A 206 18.37 18.24 1.38
C ARG A 206 18.59 16.91 2.08
N THR A 207 19.66 16.85 2.89
CA THR A 207 19.98 15.62 3.60
C THR A 207 18.82 15.17 4.49
N ALA A 208 18.47 13.88 4.38
CA ALA A 208 17.46 13.32 5.28
C ALA A 208 17.95 13.33 6.73
N SER A 209 19.23 13.03 6.94
CA SER A 209 19.74 12.63 8.26
C SER A 209 19.38 13.63 9.36
N GLY A 210 19.81 14.87 9.26
CA GLY A 210 19.41 15.54 10.50
C GLY A 210 18.05 16.25 10.52
N ASN A 211 17.20 16.05 9.52
CA ASN A 211 16.26 17.10 9.13
C ASN A 211 14.81 16.67 9.29
N ILE A 212 13.96 17.62 9.70
CA ILE A 212 12.53 17.55 9.41
C ILE A 212 12.32 18.30 8.09
N ILE A 213 11.70 17.62 7.12
CA ILE A 213 11.60 18.11 5.75
C ILE A 213 10.13 18.17 5.37
N PRO A 214 9.52 19.37 5.41
CA PRO A 214 8.15 19.51 4.92
C PRO A 214 8.02 19.02 3.48
N SER A 215 6.85 18.46 3.18
CA SER A 215 6.56 17.95 1.86
C SER A 215 5.07 18.07 1.58
N SER A 216 4.72 18.15 0.30
CA SER A 216 3.33 18.02 -0.10
C SER A 216 3.02 16.54 -0.28
N THR A 217 1.74 16.21 -0.17
CA THR A 217 1.32 14.85 -0.42
C THR A 217 -0.06 14.90 -1.04
N GLY A 218 -0.31 14.01 -1.98
CA GLY A 218 -1.59 13.94 -2.65
C GLY A 218 -2.55 12.94 -2.07
N ALA A 219 -2.24 12.38 -0.90
CA ALA A 219 -3.12 11.36 -0.33
C ALA A 219 -4.51 11.91 -0.01
N ALA A 220 -4.59 13.07 0.64
CA ALA A 220 -5.89 13.60 1.05
C ALA A 220 -6.81 13.88 -0.14
N LYS A 221 -6.23 14.18 -1.30
CA LYS A 221 -7.02 14.31 -2.53
C LYS A 221 -7.33 12.94 -3.12
N ALA A 222 -6.38 12.02 -3.08
CA ALA A 222 -6.63 10.66 -3.57
C ALA A 222 -7.84 10.04 -2.90
N VAL A 223 -8.07 10.35 -1.62
CA VAL A 223 -9.23 9.81 -0.92
C VAL A 223 -10.50 10.23 -1.63
N GLY A 224 -10.53 11.43 -2.19
CA GLY A 224 -11.67 11.86 -2.99
C GLY A 224 -11.93 11.00 -4.20
N LYS A 225 -10.93 10.28 -4.70
CA LYS A 225 -11.15 9.41 -5.84
C LYS A 225 -11.70 8.03 -5.46
N VAL A 226 -11.44 7.55 -4.24
CA VAL A 226 -11.99 6.28 -3.81
C VAL A 226 -13.21 6.46 -2.92
N LEU A 227 -13.32 7.58 -2.21
CA LEU A 227 -14.53 8.00 -1.51
C LEU A 227 -15.01 9.28 -2.15
N PRO A 228 -15.78 9.20 -3.24
CA PRO A 228 -16.22 10.43 -3.93
C PRO A 228 -17.00 11.38 -3.04
N GLU A 229 -17.70 10.88 -2.01
CA GLU A 229 -18.42 11.77 -1.13
C GLU A 229 -17.49 12.70 -0.35
N LEU A 230 -16.19 12.38 -0.27
CA LEU A 230 -15.23 13.23 0.42
C LEU A 230 -14.44 14.11 -0.53
N GLN A 231 -14.74 14.06 -1.83
CA GLN A 231 -14.08 14.90 -2.81
C GLN A 231 -14.08 16.36 -2.37
N GLY A 232 -12.91 16.98 -2.40
CA GLY A 232 -12.80 18.37 -2.02
C GLY A 232 -12.91 18.66 -0.54
N LYS A 233 -13.09 17.66 0.31
CA LYS A 233 -13.24 17.94 1.74
C LYS A 233 -11.96 17.75 2.55
N LEU A 234 -10.89 17.21 1.96
CA LEU A 234 -9.66 16.92 2.68
C LEU A 234 -8.48 17.49 1.93
N THR A 235 -7.52 18.02 2.68
CA THR A 235 -6.21 18.31 2.13
C THR A 235 -5.19 18.20 3.27
N GLY A 236 -3.91 18.35 2.93
CA GLY A 236 -2.90 18.29 3.97
C GLY A 236 -1.49 18.33 3.41
N MET A 237 -0.55 17.98 4.28
CA MET A 237 0.86 17.97 3.89
C MET A 237 1.60 16.97 4.79
N ALA A 238 2.92 16.91 4.61
CA ALA A 238 3.72 15.93 5.32
C ALA A 238 4.97 16.59 5.88
N PHE A 239 5.46 16.00 6.97
CA PHE A 239 6.80 16.25 7.51
C PHE A 239 7.58 14.96 7.37
N ARG A 240 8.64 14.98 6.55
CA ARG A 240 9.47 13.79 6.40
C ARG A 240 10.55 13.78 7.49
N VAL A 241 10.75 12.62 8.12
CA VAL A 241 11.73 12.51 9.19
C VAL A 241 12.56 11.25 8.98
N PRO A 242 13.79 11.19 9.54
CA PRO A 242 14.67 10.03 9.35
C PRO A 242 14.46 8.93 10.39
N THR A 243 13.38 8.19 10.27
CA THR A 243 13.05 7.10 11.20
C THR A 243 12.88 5.81 10.40
N VAL A 244 12.63 4.68 11.10
CA VAL A 244 12.27 3.43 10.40
C VAL A 244 11.03 3.65 9.53
N ASP A 245 10.82 2.74 8.57
CA ASP A 245 9.77 2.93 7.56
C ASP A 245 8.36 2.64 8.09
N VAL A 246 8.00 3.31 9.18
CA VAL A 246 6.65 3.37 9.71
C VAL A 246 6.28 4.84 9.80
N SER A 247 5.10 5.19 9.29
CA SER A 247 4.66 6.57 9.24
C SER A 247 3.37 6.72 10.03
N VAL A 248 2.92 7.95 10.20
CA VAL A 248 1.74 8.18 11.03
C VAL A 248 0.97 9.37 10.48
N VAL A 249 -0.34 9.19 10.36
CA VAL A 249 -1.23 10.23 9.88
C VAL A 249 -1.91 10.89 11.06
N ASP A 250 -2.10 12.19 10.95
CA ASP A 250 -2.61 13.06 12.00
C ASP A 250 -3.75 13.84 11.34
N LEU A 251 -4.98 13.43 11.59
CA LEU A 251 -6.15 13.90 10.84
C LEU A 251 -7.01 14.75 11.76
N THR A 252 -7.02 16.06 11.50
CA THR A 252 -7.84 17.00 12.26
C THR A 252 -9.11 17.29 11.46
N VAL A 253 -10.25 16.83 11.97
CA VAL A 253 -11.49 16.82 11.21
C VAL A 253 -12.59 17.60 11.95
N LYS A 254 -13.36 18.37 11.19
CA LYS A 254 -14.62 18.95 11.68
C LYS A 254 -15.75 17.98 11.36
N LEU A 255 -16.54 17.63 12.36
CA LEU A 255 -17.58 16.64 12.19
C LEU A 255 -18.95 17.28 11.95
N ASN A 256 -19.85 16.50 11.34
CA ASN A 256 -21.22 16.95 11.14
C ASN A 256 -22.04 16.77 12.41
N LYS A 257 -21.81 15.69 13.14
CA LYS A 257 -22.61 15.32 14.29
C LYS A 257 -21.77 15.41 15.55
N GLU A 258 -22.37 15.91 16.62
CA GLU A 258 -21.67 15.97 17.90
C GLU A 258 -21.36 14.56 18.37
N THR A 259 -20.20 14.39 19.00
CA THR A 259 -19.86 13.08 19.53
C THR A 259 -18.86 13.25 20.67
N THR A 260 -18.48 12.13 21.27
CA THR A 260 -17.42 12.11 22.27
C THR A 260 -16.29 11.22 21.76
N TYR A 261 -15.10 11.37 22.37
CA TYR A 261 -13.99 10.54 21.93
C TYR A 261 -14.24 9.07 22.24
N ASP A 262 -14.92 8.79 23.37
CA ASP A 262 -15.27 7.42 23.71
C ASP A 262 -16.09 6.78 22.60
N GLU A 263 -17.01 7.53 22.03
CA GLU A 263 -17.83 7.01 20.94
C GLU A 263 -17.02 6.82 19.67
N ILE A 264 -16.13 7.77 19.37
CA ILE A 264 -15.19 7.58 18.26
C ILE A 264 -14.40 6.29 18.46
N LYS A 265 -13.85 6.09 19.66
CA LYS A 265 -13.10 4.86 19.90
C LYS A 265 -13.95 3.62 19.66
N LYS A 266 -15.20 3.63 20.15
CA LYS A 266 -16.04 2.43 20.02
C LYS A 266 -16.34 2.13 18.56
N VAL A 267 -16.60 3.17 17.76
CA VAL A 267 -16.91 2.98 16.34
C VAL A 267 -15.69 2.46 15.60
N VAL A 268 -14.52 3.04 15.84
CA VAL A 268 -13.31 2.58 15.15
C VAL A 268 -12.99 1.15 15.55
N LYS A 269 -13.03 0.86 16.85
CA LYS A 269 -12.74 -0.49 17.30
C LYS A 269 -13.73 -1.50 16.70
N ALA A 270 -15.02 -1.13 16.64
CA ALA A 270 -16.02 -2.02 16.04
C ALA A 270 -15.70 -2.29 14.57
N ALA A 271 -15.29 -1.26 13.83
CA ALA A 271 -14.93 -1.49 12.43
C ALA A 271 -13.68 -2.36 12.33
N ALA A 272 -12.72 -2.16 13.24
CA ALA A 272 -11.47 -2.92 13.18
C ALA A 272 -11.69 -4.40 13.48
N GLU A 273 -12.62 -4.70 14.38
CA GLU A 273 -12.94 -6.07 14.78
C GLU A 273 -13.97 -6.74 13.87
N GLY A 274 -14.64 -5.96 13.02
CA GLY A 274 -15.69 -6.49 12.16
C GLY A 274 -15.39 -6.33 10.69
N LYS A 275 -16.10 -5.44 10.02
CA LYS A 275 -16.03 -5.35 8.56
C LYS A 275 -14.66 -4.95 8.03
N LEU A 276 -13.85 -4.23 8.81
CA LEU A 276 -12.53 -3.83 8.34
C LEU A 276 -11.40 -4.65 8.98
N LYS A 277 -11.72 -5.86 9.47
CA LYS A 277 -10.72 -6.70 10.11
C LYS A 277 -9.57 -6.99 9.17
N GLY A 278 -8.35 -6.83 9.66
CA GLY A 278 -7.18 -7.03 8.85
C GLY A 278 -6.77 -5.84 8.03
N VAL A 279 -7.66 -4.88 7.81
CA VAL A 279 -7.32 -3.64 7.12
C VAL A 279 -7.11 -2.51 8.11
N LEU A 280 -8.09 -2.27 8.98
CA LEU A 280 -7.99 -1.22 9.97
C LEU A 280 -7.75 -1.85 11.33
N GLY A 281 -6.70 -1.40 12.02
CA GLY A 281 -6.34 -1.91 13.31
C GLY A 281 -6.62 -0.85 14.36
N TYR A 282 -6.46 -1.26 15.62
CA TYR A 282 -6.82 -0.43 16.76
C TYR A 282 -5.88 -0.78 17.89
N THR A 283 -5.35 0.24 18.59
CA THR A 283 -4.58 -0.03 19.80
C THR A 283 -4.81 1.07 20.81
N GLU A 284 -4.67 0.70 22.09
CA GLU A 284 -4.63 1.65 23.20
C GLU A 284 -3.28 1.64 23.90
N ASP A 285 -2.31 0.87 23.41
CA ASP A 285 -1.03 0.73 24.07
C ASP A 285 -0.15 1.95 23.81
N ALA A 286 0.91 2.07 24.62
CA ALA A 286 1.86 3.18 24.54
C ALA A 286 2.90 2.89 23.45
N VAL A 287 2.42 2.86 22.19
CA VAL A 287 3.24 2.40 21.08
C VAL A 287 4.14 3.52 20.57
N VAL A 288 5.21 3.12 19.88
CA VAL A 288 6.02 4.01 19.09
C VAL A 288 6.14 3.40 17.70
N SER A 289 6.74 4.14 16.77
CA SER A 289 6.66 3.76 15.36
C SER A 289 7.20 2.35 15.11
N SER A 290 8.33 1.98 15.72
CA SER A 290 8.91 0.67 15.41
C SER A 290 8.05 -0.49 15.91
N ASP A 291 7.08 -0.25 16.80
CA ASP A 291 6.14 -1.30 17.17
C ASP A 291 5.26 -1.76 16.01
N PHE A 292 5.29 -1.09 14.86
CA PHE A 292 4.47 -1.47 13.73
C PHE A 292 5.26 -1.98 12.54
N LEU A 293 6.57 -2.19 12.69
CA LEU A 293 7.35 -2.82 11.65
C LEU A 293 6.78 -4.20 11.35
N GLY A 294 6.43 -4.44 10.10
CA GLY A 294 5.82 -5.70 9.73
C GLY A 294 4.33 -5.80 10.02
N ASP A 295 3.67 -4.71 10.40
CA ASP A 295 2.24 -4.81 10.67
C ASP A 295 1.47 -4.81 9.36
N SER A 296 0.60 -5.82 9.18
CA SER A 296 -0.12 -6.03 7.93
C SER A 296 -1.40 -5.19 7.79
N HIS A 297 -1.78 -4.44 8.82
CA HIS A 297 -2.89 -3.49 8.67
C HIS A 297 -2.53 -2.31 7.77
N SER A 298 -3.53 -1.78 7.08
CA SER A 298 -3.34 -0.55 6.31
C SER A 298 -3.21 0.67 7.21
N SER A 299 -3.83 0.60 8.40
CA SER A 299 -4.06 1.76 9.24
C SER A 299 -4.24 1.24 10.64
N ILE A 300 -3.47 1.74 11.61
CA ILE A 300 -3.63 1.32 13.00
C ILE A 300 -3.97 2.55 13.83
N PHE A 301 -5.22 2.61 14.28
CA PHE A 301 -5.73 3.75 15.05
C PHE A 301 -5.05 3.75 16.41
N ASP A 302 -4.44 4.89 16.76
CA ASP A 302 -3.78 5.06 18.06
C ASP A 302 -4.76 5.80 18.96
N ALA A 303 -5.51 5.03 19.75
CA ALA A 303 -6.60 5.61 20.53
C ALA A 303 -6.08 6.57 21.59
N SER A 304 -4.92 6.27 22.18
CA SER A 304 -4.36 7.12 23.24
C SER A 304 -3.72 8.39 22.71
N ALA A 305 -3.27 8.40 21.45
CA ALA A 305 -2.63 9.59 20.91
C ALA A 305 -3.64 10.64 20.42
N GLY A 306 -4.86 10.25 20.11
CA GLY A 306 -5.84 11.21 19.63
C GLY A 306 -6.27 12.18 20.70
N ILE A 307 -6.96 13.24 20.28
CA ILE A 307 -7.37 14.30 21.18
C ILE A 307 -8.57 15.04 20.59
N GLN A 308 -9.64 15.14 21.37
CA GLN A 308 -10.83 15.88 20.98
C GLN A 308 -10.91 17.16 21.79
N LEU A 309 -11.21 18.26 21.12
CA LEU A 309 -11.29 19.55 21.78
C LEU A 309 -12.72 19.96 22.08
N SER A 310 -13.64 19.59 21.21
CA SER A 310 -15.03 19.98 21.33
C SER A 310 -15.85 18.96 20.55
N PRO A 311 -17.19 18.97 20.72
CA PRO A 311 -17.98 17.83 20.23
C PRO A 311 -17.86 17.55 18.74
N LYS A 312 -17.50 18.54 17.92
CA LYS A 312 -17.35 18.32 16.48
C LYS A 312 -15.93 18.61 15.97
N PHE A 313 -14.92 18.60 16.85
CA PHE A 313 -13.55 18.99 16.46
C PHE A 313 -12.56 18.06 17.13
N VAL A 314 -11.91 17.19 16.36
CA VAL A 314 -11.10 16.10 16.91
C VAL A 314 -9.86 15.86 16.04
N LYS A 315 -8.78 15.41 16.70
CA LYS A 315 -7.54 14.99 16.07
C LYS A 315 -7.39 13.48 16.20
N LEU A 316 -7.40 12.77 15.08
CA LEU A 316 -7.26 11.33 15.04
C LEU A 316 -5.87 10.93 14.52
N VAL A 317 -5.29 9.92 15.15
CA VAL A 317 -3.93 9.48 14.86
C VAL A 317 -3.97 8.03 14.40
N SER A 318 -3.32 7.74 13.26
CA SER A 318 -3.27 6.38 12.74
C SER A 318 -1.88 6.06 12.18
N TRP A 319 -1.37 4.86 12.50
CA TRP A 319 -0.04 4.41 12.09
C TRP A 319 -0.10 3.55 10.83
N TYR A 320 1.02 3.48 10.10
CA TYR A 320 1.14 2.47 9.04
C TYR A 320 2.60 2.20 8.68
N ASP A 321 2.93 0.91 8.55
CA ASP A 321 4.17 0.49 7.92
C ASP A 321 4.11 0.88 6.45
N ASN A 322 5.03 1.74 6.03
CA ASN A 322 4.96 2.33 4.70
C ASN A 322 4.89 1.29 3.58
N GLU A 323 5.57 0.16 3.74
CA GLU A 323 5.67 -0.81 2.67
C GLU A 323 4.82 -2.05 2.91
N TYR A 324 4.74 -2.52 4.16
CA TYR A 324 4.24 -3.85 4.44
C TYR A 324 2.71 -3.93 4.41
N GLY A 325 2.02 -2.96 5.03
CA GLY A 325 0.57 -2.97 4.96
C GLY A 325 0.09 -2.80 3.53
N TYR A 326 0.70 -1.86 2.81
CA TYR A 326 0.39 -1.64 1.40
C TYR A 326 0.61 -2.90 0.56
N SER A 327 1.76 -3.55 0.74
CA SER A 327 2.03 -4.79 0.00
C SER A 327 1.02 -5.88 0.35
N THR A 328 0.62 -5.96 1.61
CA THR A 328 -0.41 -6.95 1.95
C THR A 328 -1.71 -6.65 1.21
N ARG A 329 -2.07 -5.36 1.11
CA ARG A 329 -3.27 -4.97 0.38
C ARG A 329 -3.15 -5.32 -1.10
N VAL A 330 -1.95 -5.19 -1.66
CA VAL A 330 -1.74 -5.56 -3.07
C VAL A 330 -2.14 -7.00 -3.30
N VAL A 331 -1.66 -7.90 -2.45
CA VAL A 331 -1.99 -9.31 -2.58
C VAL A 331 -3.48 -9.54 -2.33
N ASP A 332 -4.04 -8.81 -1.36
CA ASP A 332 -5.49 -8.82 -1.15
C ASP A 332 -6.24 -8.45 -2.42
N LEU A 333 -5.86 -7.33 -3.05
CA LEU A 333 -6.51 -6.91 -4.29
C LEU A 333 -6.34 -7.96 -5.39
N VAL A 334 -5.13 -8.52 -5.50
CA VAL A 334 -4.86 -9.56 -6.49
C VAL A 334 -5.84 -10.73 -6.32
N GLU A 335 -6.02 -11.20 -5.08
CA GLU A 335 -6.95 -12.30 -4.83
C GLU A 335 -8.40 -11.89 -5.10
N HIS A 336 -8.77 -10.68 -4.69
CA HIS A 336 -10.13 -10.21 -4.94
C HIS A 336 -10.42 -10.15 -6.44
N VAL A 337 -9.55 -9.46 -7.18
CA VAL A 337 -9.71 -9.31 -8.61
C VAL A 337 -9.75 -10.66 -9.32
N ALA A 338 -9.09 -11.67 -8.75
CA ALA A 338 -9.07 -12.98 -9.42
C ALA A 338 -10.35 -13.77 -9.14
N LYS A 339 -10.87 -13.73 -7.91
CA LYS A 339 -12.06 -14.50 -7.59
C LYS A 339 -13.25 -14.01 -8.40
N ALA A 340 -13.23 -12.74 -8.81
CA ALA A 340 -14.26 -12.16 -9.66
C ALA A 340 -14.33 -12.89 -11.00
C01 A1EA6 B . 4.83 4.28 -4.35
C02 A1EA6 B . 4.44 3.10 -3.46
C04 A1EA6 B . 3.78 3.88 -1.32
C06 A1EA6 B . 3.98 4.04 0.19
C07 A1EA6 B . 5.46 4.31 0.46
C08 A1EA6 B . 5.71 5.82 0.56
C11 A1EA6 B . 6.54 8.00 -0.39
C12 A1EA6 B . 5.47 8.88 -0.29
C13 A1EA6 B . 5.69 10.26 -0.15
C14 A1EA6 B . 7.00 10.73 -0.10
C16 A1EA6 B . 8.06 9.85 -0.20
C17 A1EA6 B . 7.85 8.49 -0.34
N10 A1EA6 B . 6.31 6.56 -0.53
O03 A1EA6 B . 4.82 3.39 -2.13
O05 A1EA6 B . 2.74 4.18 -1.83
O09 A1EA6 B . 5.42 6.38 1.55
CL15 A1EA6 B . 7.31 12.48 0.08
C1 GOL C . 0.62 -4.16 26.80
O1 GOL C . 1.18 -3.10 27.58
C2 GOL C . 1.33 -5.47 27.05
O2 GOL C . 1.11 -5.91 28.39
C3 GOL C . 0.93 -6.56 26.08
O3 GOL C . -0.46 -6.52 25.79
C1 GOL D . -23.93 10.84 9.97
O1 GOL D . -24.65 9.62 9.77
C2 GOL D . -24.47 11.95 9.09
O2 GOL D . -25.29 12.82 9.85
C3 GOL D . -23.38 12.73 8.37
O3 GOL D . -23.86 13.98 7.92
#